data_1L8L
#
_entry.id   1L8L
#
_cell.length_a   106.213
_cell.length_b   106.213
_cell.length_c   87.812
_cell.angle_alpha   90.00
_cell.angle_beta   90.00
_cell.angle_gamma   90.00
#
_symmetry.space_group_name_H-M   'I 4'
#
loop_
_entity.id
_entity.type
_entity.pdbx_description
1 polymer 'L-3-phosphoserine phosphatase'
2 non-polymer 'D-2-AMINO-3-PHOSPHONO-PROPIONIC ACID'
#
_entity_poly.entity_id   1
_entity_poly.type   'polypeptide(L)'
_entity_poly.pdbx_seq_one_letter_code
;MISHSELRKLFYSADAVCFDVDSTVIREEGIDELAKICGVEDAVSEMTRRAMGGAVPFKAALTERLALIQPSREQVQRLI
AEQPPHLTPGIRELVSRLQERNVQVFLISGGFRSIVEHVASKLNIPATNVFANRLKFYFNGEYAGFDETQPTAESGGKGK
VIKFLKEKFHFKKIIMIGDGATDMEACPPADAFIGFGGNVIRQQVKDNAKWYITDFVELLGELEE
;
_entity_poly.pdbx_strand_id   A,B
#
# COMPACT_ATOMS: atom_id res chain seq x y z
N HIS A 4 -37.66 -29.79 -9.48
CA HIS A 4 -36.88 -28.62 -9.87
C HIS A 4 -37.74 -27.52 -10.49
N SER A 5 -38.78 -27.82 -11.47
CA SER A 5 -39.61 -26.77 -12.05
C SER A 5 -39.81 -25.62 -11.07
N GLU A 6 -40.08 -26.00 -9.80
CA GLU A 6 -40.07 -24.96 -8.77
C GLU A 6 -39.02 -23.90 -9.12
N LEU A 7 -37.92 -24.36 -9.74
CA LEU A 7 -36.84 -23.46 -10.13
C LEU A 7 -37.10 -24.30 -11.39
N ARG A 8 -37.89 -23.71 -12.31
CA ARG A 8 -38.43 -22.38 -12.06
C ARG A 8 -38.26 -20.88 -12.28
N LYS A 9 -37.45 -20.51 -13.29
CA LYS A 9 -37.12 -19.10 -13.44
C LYS A 9 -37.15 -18.38 -12.09
N LEU A 10 -36.99 -19.19 -11.02
CA LEU A 10 -36.96 -18.63 -9.68
C LEU A 10 -35.93 -17.49 -9.66
N PHE A 11 -35.34 -17.87 -10.33
CA PHE A 11 -34.18 -17.05 -10.63
C PHE A 11 -34.35 -15.84 -11.53
N TYR A 12 -35.18 -15.97 -12.57
CA TYR A 12 -35.23 -14.73 -13.34
C TYR A 12 -36.32 -13.83 -12.77
N SER A 13 -36.86 -14.22 -11.60
CA SER A 13 -37.72 -13.33 -10.82
C SER A 13 -36.83 -12.52 -9.88
N ALA A 14 -35.56 -12.39 -10.26
CA ALA A 14 -34.57 -11.67 -9.47
C ALA A 14 -33.94 -10.51 -10.26
N ASP A 15 -33.61 -9.44 -9.54
CA ASP A 15 -32.99 -8.27 -10.16
C ASP A 15 -31.50 -8.32 -9.94
N ALA A 16 -31.10 -9.03 -8.90
CA ALA A 16 -29.70 -9.17 -8.56
C ALA A 16 -29.29 -10.61 -8.22
N VAL A 17 -28.10 -10.99 -8.68
CA VAL A 17 -27.58 -12.31 -8.39
C VAL A 17 -26.10 -12.25 -8.06
N CYS A 18 -25.81 -12.22 -6.77
CA CYS A 18 -24.44 -12.15 -6.29
C CYS A 18 -23.68 -13.47 -6.28
N PHE A 19 -22.56 -13.51 -7.00
CA PHE A 19 -21.76 -14.70 -7.01
C PHE A 19 -20.49 -14.57 -6.19
N ASP A 20 -19.78 -15.79 -5.45
CA ASP A 20 -18.65 -16.16 -4.72
C ASP A 20 -17.64 -16.41 -5.76
N VAL A 21 -16.78 -15.83 -5.73
CA VAL A 21 -15.90 -16.33 -6.79
C VAL A 21 -15.17 -17.62 -6.46
N ASP A 22 -14.34 -17.61 -5.42
CA ASP A 22 -13.58 -18.81 -5.09
C ASP A 22 -14.45 -20.02 -4.78
N SER A 23 -14.24 -21.07 -5.55
CA SER A 23 -14.94 -22.33 -5.39
C SER A 23 -16.36 -22.31 -5.89
N THR A 24 -16.67 -21.30 -6.69
CA THR A 24 -18.05 -21.34 -7.15
C THR A 24 -18.21 -20.68 -8.52
N VAL A 25 -17.75 -19.40 -8.54
CA VAL A 25 -17.55 -18.80 -9.85
C VAL A 25 -16.37 -19.45 -10.59
N ILE A 26 -15.48 -20.08 -9.79
CA ILE A 26 -14.30 -20.69 -10.40
C ILE A 26 -13.77 -21.87 -9.60
N ARG A 27 -13.00 -22.74 -10.31
CA ARG A 27 -12.52 -23.96 -9.69
C ARG A 27 -11.41 -23.73 -8.66
N GLU A 28 -10.66 -22.64 -8.87
CA GLU A 28 -9.50 -22.39 -8.01
C GLU A 28 -9.76 -21.29 -6.98
N GLU A 29 -9.09 -21.44 -5.82
CA GLU A 29 -9.19 -20.42 -4.78
C GLU A 29 -8.10 -19.35 -4.93
N GLY A 30 -8.41 -18.38 -4.28
CA GLY A 30 -7.91 -17.29 -5.10
C GLY A 30 -6.56 -16.77 -4.68
N ILE A 31 -6.61 -17.13 -2.97
CA ILE A 31 -5.55 -17.05 -1.97
C ILE A 31 -4.50 -18.17 -2.10
N ASP A 32 -4.96 -19.43 -2.10
CA ASP A 32 -4.07 -20.59 -2.21
C ASP A 32 -3.30 -20.61 -3.51
N GLU A 33 -3.66 -19.73 -4.44
CA GLU A 33 -2.97 -19.69 -5.71
C GLU A 33 -1.81 -18.72 -5.57
N LEU A 34 -2.11 -17.57 -4.97
CA LEU A 34 -1.10 -16.53 -4.73
C LEU A 34 0.08 -17.17 -4.00
N ALA A 35 -0.22 -18.00 -3.02
CA ALA A 35 0.81 -18.69 -2.25
C ALA A 35 1.53 -19.71 -3.14
N LYS A 36 0.80 -20.37 -4.03
CA LYS A 36 1.41 -21.37 -4.90
C LYS A 36 2.42 -20.77 -5.86
N ILE A 37 2.17 -19.54 -6.30
CA ILE A 37 3.07 -18.85 -7.21
C ILE A 37 4.16 -18.16 -6.39
N CYS A 38 4.10 -18.30 -5.07
CA CYS A 38 5.10 -17.65 -4.24
C CYS A 38 6.14 -18.55 -3.55
N GLY A 39 6.13 -19.83 -3.89
CA GLY A 39 7.07 -20.75 -3.29
C GLY A 39 6.79 -20.98 -1.83
N VAL A 40 5.57 -20.63 -1.40
CA VAL A 40 5.10 -20.78 -0.02
C VAL A 40 3.83 -21.65 -0.04
N GLU A 41 3.70 -22.38 -1.16
CA GLU A 41 2.63 -23.30 -1.47
C GLU A 41 2.27 -24.19 -0.29
N ASP A 42 3.00 -25.27 -0.06
CA ASP A 42 2.64 -26.12 1.07
C ASP A 42 2.95 -25.52 2.44
N ALA A 43 3.55 -24.33 2.44
CA ALA A 43 3.86 -23.62 3.67
C ALA A 43 2.57 -23.02 4.23
N VAL A 44 1.74 -22.53 3.31
CA VAL A 44 0.47 -21.95 3.67
C VAL A 44 -0.65 -23.00 3.83
N SER A 45 -0.72 -23.95 2.88
CA SER A 45 -1.73 -25.01 2.90
C SER A 45 -1.61 -25.82 4.16
N GLU A 46 -0.60 -25.47 4.94
CA GLU A 46 -0.35 -26.17 6.17
C GLU A 46 -0.83 -25.30 7.33
N MET A 47 -1.21 -24.08 6.98
CA MET A 47 -1.73 -23.05 7.89
C MET A 47 -3.21 -23.25 8.19
N THR A 48 -3.91 -23.91 7.27
CA THR A 48 -5.33 -24.20 7.44
C THR A 48 -5.99 -25.25 8.33
N ARG A 49 -5.29 -26.38 8.54
CA ARG A 49 -5.77 -27.53 9.35
C ARG A 49 -6.12 -27.02 10.73
N ARG A 50 -5.60 -25.99 11.31
CA ARG A 50 -5.91 -25.86 12.73
C ARG A 50 -7.11 -24.96 12.98
N ALA A 51 -7.47 -24.17 11.94
CA ALA A 51 -8.63 -23.31 12.07
C ALA A 51 -9.63 -24.46 12.16
N MET A 52 -10.15 -24.66 13.38
CA MET A 52 -10.85 -25.95 13.49
C MET A 52 -11.70 -25.77 14.72
N GLY A 53 -10.95 -25.63 15.80
CA GLY A 53 -11.05 -24.35 16.43
C GLY A 53 -11.06 -23.30 15.30
N GLY A 54 -11.28 -22.74 14.80
CA GLY A 54 -11.18 -21.18 14.64
C GLY A 54 -11.37 -20.08 15.86
N ALA A 55 -10.34 -20.15 16.27
CA ALA A 55 -9.90 -19.11 17.08
C ALA A 55 -9.93 -18.02 16.11
N VAL A 56 -9.14 -18.38 15.34
CA VAL A 56 -8.85 -17.09 14.75
C VAL A 56 -9.86 -16.93 13.65
N PRO A 57 -9.96 -15.40 14.39
CA PRO A 57 -11.06 -14.82 13.61
C PRO A 57 -10.69 -14.70 12.14
N PHE A 58 -11.40 -14.13 11.17
CA PHE A 58 -11.15 -14.01 9.73
C PHE A 58 -10.11 -12.92 9.41
N LYS A 59 -10.29 -11.80 9.98
CA LYS A 59 -9.26 -10.82 9.71
C LYS A 59 -7.91 -11.36 10.16
N ALA A 60 -7.64 -11.68 11.50
CA ALA A 60 -6.30 -12.15 11.85
C ALA A 60 -5.83 -13.26 10.92
N ALA A 61 -6.69 -14.25 10.76
CA ALA A 61 -6.44 -15.42 9.93
C ALA A 61 -5.78 -15.02 8.62
N LEU A 62 -6.49 -14.23 7.84
CA LEU A 62 -6.00 -13.74 6.57
C LEU A 62 -4.80 -12.81 6.69
N THR A 63 -4.81 -11.96 7.73
CA THR A 63 -3.75 -11.00 7.95
C THR A 63 -2.48 -11.77 8.25
N GLU A 64 -2.64 -13.03 8.62
CA GLU A 64 -1.51 -13.89 8.97
C GLU A 64 -0.96 -14.75 7.81
N ARG A 65 -1.86 -15.48 7.15
CA ARG A 65 -1.51 -16.33 6.00
C ARG A 65 -0.95 -15.39 4.95
N LEU A 66 -1.45 -14.18 4.97
CA LEU A 66 -1.02 -13.18 4.02
C LEU A 66 0.27 -12.57 4.57
N ALA A 67 0.33 -12.55 5.90
CA ALA A 67 1.47 -12.00 6.65
C ALA A 67 2.82 -12.69 6.44
N LEU A 68 2.41 -14.00 5.63
CA LEU A 68 3.70 -14.09 4.96
C LEU A 68 3.84 -14.00 3.43
N ILE A 69 3.02 -14.82 2.73
CA ILE A 69 3.08 -14.80 1.26
C ILE A 69 3.90 -13.57 0.83
N GLN A 70 3.30 -12.48 1.47
CA GLN A 70 4.07 -11.33 1.02
C GLN A 70 4.00 -11.33 -0.51
N PRO A 71 2.79 -11.21 -1.08
CA PRO A 71 2.66 -11.19 -2.54
C PRO A 71 3.13 -9.86 -3.09
N SER A 72 4.24 -9.86 -3.80
CA SER A 72 4.73 -8.61 -4.38
C SER A 72 3.69 -8.14 -5.39
N ARG A 73 3.80 -6.93 -5.90
CA ARG A 73 2.82 -6.49 -6.87
C ARG A 73 3.09 -7.35 -8.10
N GLU A 74 4.35 -7.39 -8.51
CA GLU A 74 4.95 -8.22 -9.54
C GLU A 74 4.26 -9.58 -9.66
N GLN A 75 4.43 -10.25 -8.53
CA GLN A 75 3.98 -11.64 -8.38
C GLN A 75 2.48 -11.79 -8.69
N VAL A 76 1.63 -10.93 -8.12
CA VAL A 76 0.20 -11.06 -8.43
C VAL A 76 0.00 -10.68 -9.89
N GLN A 77 0.99 -10.01 -10.46
CA GLN A 77 0.96 -9.59 -11.86
C GLN A 77 1.33 -10.81 -12.68
N ARG A 78 2.33 -11.56 -12.23
CA ARG A 78 2.71 -12.78 -12.95
C ARG A 78 1.51 -13.73 -12.87
N LEU A 79 0.81 -13.70 -11.75
CA LEU A 79 -0.37 -14.54 -11.54
C LEU A 79 -1.41 -14.20 -12.60
N ILE A 80 -1.82 -12.94 -12.66
CA ILE A 80 -2.78 -12.49 -13.63
C ILE A 80 -2.32 -12.85 -15.04
N ALA A 81 -1.05 -12.55 -15.33
CA ALA A 81 -0.47 -12.83 -16.64
C ALA A 81 -0.53 -14.30 -17.06
N GLU A 82 -0.43 -15.21 -16.09
CA GLU A 82 -0.50 -16.65 -16.32
C GLU A 82 -1.94 -17.16 -16.37
N GLN A 83 -2.88 -16.29 -15.98
CA GLN A 83 -4.32 -16.56 -15.95
C GLN A 83 -4.65 -17.85 -15.24
N PRO A 84 -3.97 -18.13 -14.13
CA PRO A 84 -4.26 -19.36 -13.41
C PRO A 84 -5.76 -19.58 -13.17
N PRO A 85 -6.54 -18.50 -12.92
CA PRO A 85 -7.97 -18.71 -12.67
C PRO A 85 -8.69 -19.32 -13.87
N HIS A 86 -9.39 -20.41 -13.59
CA HIS A 86 -10.16 -21.12 -14.59
C HIS A 86 -11.62 -21.19 -14.07
N LEU A 87 -12.51 -20.61 -14.86
CA LEU A 87 -13.94 -20.59 -14.55
C LEU A 87 -14.51 -21.97 -14.48
N THR A 88 -15.46 -22.14 -13.56
CA THR A 88 -16.15 -23.40 -13.35
C THR A 88 -17.28 -23.50 -14.39
N PRO A 89 -17.03 -24.17 -15.53
CA PRO A 89 -17.95 -24.38 -16.64
C PRO A 89 -19.31 -24.09 -17.28
N GLY A 90 -20.02 -23.11 -16.74
CA GLY A 90 -21.31 -22.75 -17.33
C GLY A 90 -21.56 -21.41 -16.68
N ILE A 91 -20.50 -20.76 -16.25
CA ILE A 91 -20.58 -19.44 -15.62
C ILE A 91 -20.59 -18.36 -16.69
N ARG A 92 -19.58 -18.37 -17.56
CA ARG A 92 -19.46 -17.37 -18.62
C ARG A 92 -20.77 -17.18 -19.37
N GLU A 93 -21.48 -18.28 -19.62
CA GLU A 93 -22.75 -18.23 -20.34
C GLU A 93 -23.92 -17.95 -19.42
N LEU A 94 -23.85 -18.46 -18.19
CA LEU A 94 -24.90 -18.28 -17.19
C LEU A 94 -25.04 -16.82 -16.78
N VAL A 95 -23.91 -16.12 -16.67
CA VAL A 95 -23.87 -14.71 -16.29
C VAL A 95 -24.45 -13.87 -17.43
N SER A 96 -24.19 -14.32 -18.65
CA SER A 96 -24.65 -13.65 -19.88
C SER A 96 -26.17 -13.80 -19.98
N ARG A 97 -26.65 -15.03 -19.79
CA ARG A 97 -28.08 -15.16 -19.92
C ARG A 97 -28.76 -14.31 -18.87
N LEU A 98 -28.09 -14.02 -17.77
CA LEU A 98 -28.64 -13.12 -16.76
C LEU A 98 -28.64 -11.63 -16.98
N GLN A 99 -27.45 -11.07 -17.15
CA GLN A 99 -27.35 -9.64 -17.35
C GLN A 99 -28.12 -9.27 -18.62
N GLU A 100 -28.30 -10.23 -19.54
CA GLU A 100 -29.09 -10.11 -20.79
C GLU A 100 -30.53 -9.85 -20.46
N ARG A 101 -30.98 -10.60 -19.46
CA ARG A 101 -32.40 -10.39 -19.35
C ARG A 101 -32.67 -9.20 -18.45
N ASN A 102 -31.53 -8.71 -18.33
CA ASN A 102 -31.58 -7.45 -17.68
C ASN A 102 -31.42 -7.62 -16.21
N VAL A 103 -30.38 -8.24 -15.68
CA VAL A 103 -30.03 -8.53 -14.30
C VAL A 103 -28.60 -8.13 -13.97
N GLN A 104 -28.43 -7.40 -12.86
CA GLN A 104 -27.10 -6.94 -12.46
C GLN A 104 -26.30 -8.01 -11.72
N VAL A 105 -25.40 -8.66 -12.43
CA VAL A 105 -24.56 -9.69 -11.83
C VAL A 105 -23.45 -9.05 -11.03
N PHE A 106 -23.20 -9.63 -9.87
CA PHE A 106 -22.21 -9.15 -8.93
C PHE A 106 -21.28 -10.26 -8.52
N LEU A 107 -20.10 -9.89 -8.02
CA LEU A 107 -19.12 -10.88 -7.58
C LEU A 107 -18.74 -10.54 -6.15
N ILE A 108 -18.65 -11.54 -5.28
CA ILE A 108 -18.27 -11.24 -3.89
C ILE A 108 -17.21 -12.17 -3.31
N SER A 109 -16.07 -11.61 -2.91
CA SER A 109 -14.98 -12.51 -2.45
C SER A 109 -14.16 -12.03 -1.21
N GLY A 110 -13.56 -13.01 -0.53
CA GLY A 110 -12.65 -12.72 0.54
C GLY A 110 -11.30 -12.65 -0.12
N GLY A 111 -11.28 -13.02 -1.39
CA GLY A 111 -10.06 -13.00 -2.20
C GLY A 111 -9.54 -11.59 -2.43
N PHE A 112 -8.96 -11.34 -3.60
CA PHE A 112 -8.43 -10.00 -3.86
C PHE A 112 -9.01 -9.34 -5.09
N ARG A 113 -9.24 -8.03 -5.00
CA ARG A 113 -9.82 -7.31 -6.13
C ARG A 113 -8.92 -7.38 -7.36
N SER A 114 -7.65 -7.69 -7.15
CA SER A 114 -6.71 -7.79 -8.26
C SER A 114 -7.14 -8.95 -9.14
N ILE A 115 -7.34 -10.09 -8.50
CA ILE A 115 -7.72 -11.26 -9.23
C ILE A 115 -9.16 -11.26 -9.74
N VAL A 116 -10.11 -11.05 -8.83
CA VAL A 116 -11.52 -11.03 -9.18
C VAL A 116 -11.84 -10.09 -10.36
N GLU A 117 -11.20 -8.94 -10.38
CA GLU A 117 -11.45 -7.97 -11.44
C GLU A 117 -11.19 -8.59 -12.79
N HIS A 118 -10.04 -9.24 -12.93
CA HIS A 118 -9.68 -9.90 -14.17
C HIS A 118 -10.75 -10.94 -14.45
N VAL A 119 -11.14 -11.68 -13.42
CA VAL A 119 -12.18 -12.70 -13.54
C VAL A 119 -13.42 -12.05 -14.11
N ALA A 120 -13.66 -10.81 -13.69
CA ALA A 120 -14.83 -10.05 -14.14
C ALA A 120 -14.83 -9.86 -15.65
N SER A 121 -13.79 -9.19 -16.16
CA SER A 121 -13.66 -8.96 -17.60
C SER A 121 -13.95 -10.24 -18.37
N LYS A 122 -13.59 -11.37 -17.79
CA LYS A 122 -13.74 -12.56 -18.68
C LYS A 122 -15.27 -12.99 -18.58
N LEU A 123 -16.07 -12.52 -17.62
CA LEU A 123 -17.52 -12.78 -17.63
C LEU A 123 -18.22 -11.58 -18.21
N ASN A 124 -17.43 -10.65 -18.74
CA ASN A 124 -17.99 -9.43 -19.29
C ASN A 124 -18.88 -8.85 -18.23
N ILE A 125 -18.38 -8.87 -17.02
CA ILE A 125 -19.09 -8.34 -15.88
C ILE A 125 -18.51 -6.96 -15.63
N PRO A 126 -19.37 -6.01 -15.26
CA PRO A 126 -18.88 -4.66 -14.99
C PRO A 126 -17.85 -4.65 -13.87
N ALA A 127 -16.97 -3.66 -13.90
CA ALA A 127 -15.92 -3.53 -12.91
C ALA A 127 -16.45 -3.03 -11.58
N THR A 128 -17.45 -2.16 -11.70
CA THR A 128 -18.11 -1.53 -10.56
C THR A 128 -18.79 -2.62 -9.71
N ASN A 129 -19.17 -3.71 -10.35
CA ASN A 129 -19.85 -4.76 -9.62
C ASN A 129 -18.96 -5.82 -9.02
N VAL A 130 -17.99 -5.41 -8.22
CA VAL A 130 -17.09 -6.36 -7.57
C VAL A 130 -16.68 -5.88 -6.17
N PHE A 131 -16.53 -6.86 -5.29
CA PHE A 131 -16.35 -6.69 -3.82
C PHE A 131 -15.28 -7.61 -3.15
N ALA A 132 -13.97 -7.34 -3.09
CA ALA A 132 -13.01 -8.21 -2.38
C ALA A 132 -11.95 -7.40 -1.65
N ASN A 133 -11.02 -8.07 -0.97
CA ASN A 133 -9.97 -7.33 -0.25
C ASN A 133 -9.01 -6.67 -1.24
N ARG A 134 -8.68 -5.42 -0.97
CA ARG A 134 -7.77 -4.70 -1.83
C ARG A 134 -6.38 -4.81 -1.28
N LEU A 135 -5.56 -5.57 -1.99
CA LEU A 135 -4.18 -5.80 -1.65
C LEU A 135 -3.42 -4.45 -1.81
N LYS A 136 -2.43 -4.21 -0.94
CA LYS A 136 -1.63 -2.95 -0.94
C LYS A 136 -0.12 -3.18 -1.20
N PHE A 137 0.53 -2.27 -1.90
CA PHE A 137 1.96 -2.45 -2.15
C PHE A 137 2.76 -1.14 -1.97
N TYR A 138 4.07 -1.28 -1.81
CA TYR A 138 4.93 -0.12 -1.64
C TYR A 138 5.35 0.28 -3.04
N PHE A 139 5.93 1.46 -3.19
CA PHE A 139 6.38 1.88 -4.49
C PHE A 139 7.19 0.71 -5.07
N ASN A 140 8.11 0.19 -4.26
CA ASN A 140 9.08 -0.99 -4.47
C ASN A 140 8.22 -2.15 -5.11
N GLY A 141 6.94 -2.17 -4.76
CA GLY A 141 6.06 -3.27 -5.16
C GLY A 141 6.01 -4.40 -4.15
N GLU A 142 6.51 -4.13 -2.95
CA GLU A 142 6.52 -5.12 -1.89
C GLU A 142 5.17 -5.17 -1.16
N TYR A 143 4.91 -6.29 -0.49
CA TYR A 143 3.65 -6.42 0.21
C TYR A 143 3.48 -5.45 1.35
N ALA A 144 2.52 -4.56 1.20
CA ALA A 144 2.21 -3.55 2.20
C ALA A 144 1.02 -3.90 3.09
N GLY A 145 0.11 -4.44 3.35
CA GLY A 145 -1.03 -5.39 3.60
C GLY A 145 -2.23 -5.32 2.59
N PHE A 146 -3.21 -4.77 3.74
CA PHE A 146 -4.33 -4.73 2.73
C PHE A 146 -5.55 -3.78 3.01
N ASP A 147 -6.57 -3.36 2.27
CA ASP A 147 -7.57 -2.43 2.80
C ASP A 147 -8.25 -3.19 3.91
N GLU A 148 -8.34 -2.58 5.08
CA GLU A 148 -8.94 -3.23 6.25
C GLU A 148 -10.32 -2.66 6.64
N THR A 149 -10.89 -1.83 5.77
CA THR A 149 -12.19 -1.22 6.00
C THR A 149 -13.18 -1.85 5.04
N GLN A 150 -12.63 -2.57 4.08
CA GLN A 150 -13.41 -3.24 3.04
C GLN A 150 -14.35 -4.23 3.74
N PRO A 151 -15.67 -4.16 3.45
CA PRO A 151 -16.69 -5.03 4.04
C PRO A 151 -16.11 -6.39 4.40
N THR A 152 -15.48 -7.27 3.38
CA THR A 152 -14.92 -8.57 3.61
C THR A 152 -13.60 -8.92 4.29
N ALA A 153 -13.19 -7.82 5.03
CA ALA A 153 -11.96 -8.05 5.72
C ALA A 153 -12.26 -8.54 7.14
N GLU A 154 -13.50 -8.40 7.58
CA GLU A 154 -13.90 -8.82 8.92
C GLU A 154 -14.71 -10.10 8.84
N SER A 155 -14.92 -10.77 9.97
CA SER A 155 -15.66 -12.03 10.02
C SER A 155 -17.12 -11.74 9.69
N GLY A 156 -17.70 -12.56 8.82
CA GLY A 156 -19.10 -12.38 8.44
C GLY A 156 -19.47 -11.11 7.70
N GLY A 157 -18.53 -10.51 6.99
CA GLY A 157 -18.83 -9.29 6.25
C GLY A 157 -19.36 -9.57 4.86
N LYS A 158 -19.46 -10.85 4.50
CA LYS A 158 -19.95 -11.23 3.18
C LYS A 158 -21.40 -10.78 2.98
N GLY A 159 -22.16 -10.75 4.06
CA GLY A 159 -23.54 -10.32 3.99
C GLY A 159 -23.63 -8.83 4.18
N LYS A 160 -22.68 -8.24 4.89
CA LYS A 160 -22.65 -6.79 5.14
C LYS A 160 -22.66 -6.05 3.83
N VAL A 161 -22.31 -6.76 2.76
CA VAL A 161 -22.29 -6.15 1.43
C VAL A 161 -23.58 -6.45 0.72
N ILE A 162 -24.01 -7.71 0.75
CA ILE A 162 -25.25 -8.11 0.11
C ILE A 162 -26.36 -7.26 0.72
N LYS A 163 -26.18 -6.85 1.97
CA LYS A 163 -27.42 -5.96 2.37
C LYS A 163 -27.08 -4.63 2.08
N PHE A 164 -25.87 -4.32 1.60
CA PHE A 164 -25.56 -2.99 1.08
C PHE A 164 -26.17 -2.75 -0.29
N LEU A 165 -25.92 -3.69 -1.19
CA LEU A 165 -26.42 -3.62 -2.55
C LEU A 165 -27.91 -3.32 -2.58
N LYS A 166 -28.61 -3.77 -1.53
CA LYS A 166 -30.12 -3.53 -1.42
C LYS A 166 -30.34 -2.20 -0.78
N GLU A 167 -29.69 -1.89 0.34
CA GLU A 167 -29.89 -0.62 1.04
C GLU A 167 -29.92 0.44 -0.06
N LYS A 168 -28.86 0.47 -0.88
CA LYS A 168 -28.77 1.46 -1.94
C LYS A 168 -29.49 1.44 -3.30
N PHE A 169 -29.39 0.34 -4.03
CA PHE A 169 -30.04 0.22 -5.33
C PHE A 169 -31.44 -0.33 -5.14
N HIS A 170 -31.76 -0.71 -3.90
CA HIS A 170 -33.06 -1.27 -3.56
C HIS A 170 -33.50 -2.33 -4.55
N PHE A 171 -32.88 -3.51 -4.45
CA PHE A 171 -33.22 -4.59 -5.34
C PHE A 171 -34.46 -5.37 -4.90
N LYS A 172 -34.42 -5.93 -3.70
CA LYS A 172 -35.53 -6.74 -3.24
C LYS A 172 -35.52 -7.99 -4.12
N LYS A 173 -35.27 -9.14 -3.53
CA LYS A 173 -35.22 -10.41 -4.26
C LYS A 173 -33.97 -10.74 -5.10
N ILE A 174 -32.85 -10.83 -4.39
CA ILE A 174 -31.53 -11.16 -4.95
C ILE A 174 -31.05 -12.52 -4.46
N ILE A 175 -30.28 -13.23 -5.30
CA ILE A 175 -29.73 -14.56 -5.00
C ILE A 175 -28.20 -14.58 -4.83
N MET A 176 -27.73 -15.46 -3.96
CA MET A 176 -26.31 -15.63 -3.65
C MET A 176 -25.93 -17.05 -4.04
N ILE A 177 -25.03 -17.18 -5.00
CA ILE A 177 -24.55 -18.49 -5.45
C ILE A 177 -23.23 -18.70 -4.72
N GLY A 178 -23.21 -19.63 -3.78
CA GLY A 178 -22.00 -19.88 -3.02
C GLY A 178 -21.75 -21.28 -2.53
N ASP A 179 -20.46 -21.62 -2.39
CA ASP A 179 -20.03 -22.94 -1.93
C ASP A 179 -19.78 -23.27 -0.46
N GLY A 180 -19.52 -22.27 0.36
CA GLY A 180 -19.26 -22.56 1.76
C GLY A 180 -20.31 -21.95 2.68
N ALA A 181 -20.25 -22.25 3.97
CA ALA A 181 -21.24 -21.72 4.90
C ALA A 181 -21.17 -20.21 5.09
N THR A 182 -20.17 -19.56 4.50
CA THR A 182 -20.05 -18.11 4.63
C THR A 182 -20.97 -17.46 3.60
N ASP A 183 -21.05 -18.12 2.44
CA ASP A 183 -21.89 -17.71 1.34
C ASP A 183 -23.32 -17.93 1.79
N MET A 184 -23.55 -19.08 2.40
CA MET A 184 -24.86 -19.48 2.91
C MET A 184 -25.35 -18.58 4.05
N GLU A 185 -24.49 -18.32 5.05
CA GLU A 185 -24.90 -17.49 6.18
C GLU A 185 -25.33 -16.10 5.77
N ALA A 186 -25.06 -15.79 4.51
CA ALA A 186 -25.41 -14.50 3.91
C ALA A 186 -26.83 -14.51 3.40
N CYS A 187 -27.48 -15.68 3.41
CA CYS A 187 -28.84 -15.74 2.91
C CYS A 187 -29.81 -15.01 3.82
N PRO A 188 -29.68 -15.20 5.15
CA PRO A 188 -30.57 -14.51 6.09
C PRO A 188 -30.48 -13.01 5.82
N PRO A 189 -29.31 -12.51 5.36
CA PRO A 189 -29.23 -11.07 5.07
C PRO A 189 -29.72 -10.86 3.63
N ALA A 190 -29.57 -11.89 2.79
CA ALA A 190 -29.97 -11.90 1.37
C ALA A 190 -31.13 -12.83 1.06
N ASP A 191 -32.00 -12.47 0.11
CA ASP A 191 -33.17 -13.32 -0.24
C ASP A 191 -33.16 -14.83 -0.45
N ALA A 192 -32.28 -15.33 -1.29
CA ALA A 192 -32.25 -16.76 -1.57
C ALA A 192 -30.81 -17.21 -1.75
N PHE A 193 -30.48 -18.41 -1.27
CA PHE A 193 -29.13 -18.95 -1.39
C PHE A 193 -29.11 -20.25 -2.20
N ILE A 194 -28.23 -20.32 -3.19
CA ILE A 194 -28.11 -21.52 -3.99
C ILE A 194 -26.72 -22.00 -3.63
N GLY A 195 -26.61 -23.18 -3.05
CA GLY A 195 -25.28 -23.68 -2.72
C GLY A 195 -24.69 -24.10 -4.06
N PHE A 196 -23.39 -24.37 -4.10
CA PHE A 196 -22.72 -24.81 -5.33
C PHE A 196 -21.42 -25.58 -5.07
N GLY A 197 -21.37 -26.83 -5.54
CA GLY A 197 -20.19 -27.65 -5.34
C GLY A 197 -19.62 -28.25 -6.61
N GLY A 198 -19.47 -27.45 -7.66
CA GLY A 198 -18.33 -27.83 -8.34
C GLY A 198 -17.58 -28.52 -8.50
N ASN A 199 -16.87 -27.75 -7.68
CA ASN A 199 -15.54 -28.15 -7.20
C ASN A 199 -15.57 -28.64 -5.74
N VAL A 200 -16.22 -27.91 -4.83
CA VAL A 200 -16.31 -28.32 -3.44
C VAL A 200 -17.67 -28.66 -2.83
N ILE A 201 -17.79 -29.89 -2.36
CA ILE A 201 -19.04 -30.38 -1.78
C ILE A 201 -19.42 -29.76 -0.45
N ARG A 202 -18.41 -29.43 0.36
CA ARG A 202 -18.61 -28.83 1.69
C ARG A 202 -19.92 -29.26 2.36
N GLN A 203 -19.96 -30.51 2.82
CA GLN A 203 -21.12 -31.08 3.47
C GLN A 203 -21.94 -30.16 4.33
N GLN A 204 -21.29 -29.36 5.16
CA GLN A 204 -22.13 -28.62 6.05
C GLN A 204 -23.05 -27.58 5.35
N VAL A 205 -22.96 -27.46 4.03
CA VAL A 205 -23.93 -26.65 3.30
C VAL A 205 -24.84 -27.58 2.50
N LYS A 206 -24.29 -28.69 2.01
CA LYS A 206 -25.09 -29.63 1.23
C LYS A 206 -26.09 -30.38 2.09
N ASP A 207 -26.06 -30.13 3.40
CA ASP A 207 -26.98 -30.82 4.31
C ASP A 207 -28.02 -29.80 4.79
N ASN A 208 -27.59 -28.65 5.30
CA ASN A 208 -28.53 -27.62 5.78
C ASN A 208 -29.10 -26.59 4.82
N ALA A 209 -28.67 -26.62 3.56
CA ALA A 209 -29.11 -25.63 2.58
C ALA A 209 -30.19 -26.09 1.61
N LYS A 210 -31.18 -25.23 1.39
CA LYS A 210 -32.24 -25.56 0.45
C LYS A 210 -31.74 -25.09 -0.92
N TRP A 211 -31.90 -25.91 -1.94
CA TRP A 211 -31.48 -25.64 -3.31
C TRP A 211 -29.93 -25.68 -3.48
N TYR A 212 -29.43 -26.89 -3.69
CA TYR A 212 -28.01 -27.10 -3.86
C TYR A 212 -27.70 -27.93 -5.12
N ILE A 213 -27.17 -27.23 -6.13
CA ILE A 213 -26.82 -27.81 -7.41
C ILE A 213 -25.49 -28.51 -7.37
N THR A 214 -25.28 -29.37 -8.36
CA THR A 214 -24.01 -30.06 -8.43
C THR A 214 -23.11 -29.27 -9.36
N ASP A 215 -23.61 -28.96 -10.55
CA ASP A 215 -22.82 -28.22 -11.53
C ASP A 215 -23.64 -27.13 -12.22
N PHE A 216 -22.97 -26.12 -12.76
CA PHE A 216 -23.66 -25.02 -13.41
C PHE A 216 -24.30 -25.35 -14.75
N VAL A 217 -24.41 -26.65 -15.04
CA VAL A 217 -25.02 -27.10 -16.29
C VAL A 217 -26.40 -27.64 -15.97
N GLU A 218 -26.50 -28.31 -14.82
CA GLU A 218 -27.72 -28.92 -14.29
C GLU A 218 -28.85 -27.88 -14.43
N LEU A 219 -28.50 -26.60 -14.29
CA LEU A 219 -29.45 -25.48 -14.39
C LEU A 219 -29.72 -24.79 -15.72
N LEU A 220 -29.36 -25.48 -16.80
CA LEU A 220 -29.55 -25.00 -18.18
C LEU A 220 -30.84 -25.52 -18.84
N GLY A 221 -31.07 -26.82 -18.72
CA GLY A 221 -32.26 -27.42 -19.29
C GLY A 221 -33.54 -26.78 -18.78
N GLU A 222 -33.60 -26.62 -17.47
CA GLU A 222 -34.75 -26.00 -16.80
C GLU A 222 -34.78 -24.52 -17.10
N LEU A 223 -33.59 -23.91 -17.24
CA LEU A 223 -33.50 -22.48 -17.55
C LEU A 223 -34.15 -22.20 -18.92
N GLU A 224 -33.84 -23.04 -19.91
CA GLU A 224 -34.42 -22.92 -21.27
C GLU A 224 -35.95 -23.06 -21.31
N GLU A 225 -36.44 -24.15 -20.71
CA GLU A 225 -37.86 -24.45 -20.66
C GLU A 225 -38.75 -24.09 -19.47
N HIS B 4 34.01 31.53 13.57
CA HIS B 4 34.42 30.14 13.49
C HIS B 4 35.92 30.01 13.17
N SER B 5 36.23 28.64 14.03
CA SER B 5 37.68 28.58 14.14
C SER B 5 38.35 27.93 12.93
N GLU B 6 37.40 27.67 11.73
CA GLU B 6 38.09 27.45 10.46
C GLU B 6 38.76 26.15 9.97
N LEU B 7 38.67 25.92 9.11
CA LEU B 7 39.17 24.62 8.66
C LEU B 7 38.66 23.55 9.63
N ARG B 8 38.25 23.27 9.73
CA ARG B 8 37.26 22.78 10.65
C ARG B 8 37.35 21.28 10.62
N LYS B 9 38.33 21.05 11.52
CA LYS B 9 38.60 19.68 11.88
C LYS B 9 37.26 18.94 11.89
N LEU B 10 36.21 19.79 12.00
CA LEU B 10 34.84 19.27 12.00
C LEU B 10 34.79 18.05 11.05
N PHE B 11 34.95 18.35 9.76
CA PHE B 11 34.90 17.30 8.76
C PHE B 11 35.89 16.22 8.40
N TYR B 12 37.18 16.48 8.60
CA TYR B 12 38.22 15.49 8.31
C TYR B 12 38.19 14.39 9.39
N SER B 13 37.78 14.77 10.60
CA SER B 13 37.70 13.83 11.71
C SER B 13 36.45 12.96 11.60
N ALA B 14 35.91 12.98 11.02
CA ALA B 14 34.65 12.28 10.81
C ALA B 14 34.35 10.87 10.29
N ASP B 15 33.72 10.38 11.02
CA ASP B 15 33.43 8.99 10.70
C ASP B 15 32.28 8.85 9.70
N ALA B 16 31.14 9.47 10.03
CA ALA B 16 29.95 9.44 9.19
C ALA B 16 29.09 10.71 9.26
N VAL B 17 28.83 11.34 8.12
CA VAL B 17 27.99 12.55 8.08
C VAL B 17 26.69 12.24 7.32
N CYS B 18 25.58 12.84 7.74
CA CYS B 18 24.26 12.61 7.10
C CYS B 18 23.43 13.88 7.02
N PHE B 19 22.73 14.06 5.91
CA PHE B 19 21.89 15.23 5.66
C PHE B 19 20.43 14.88 5.42
N ASP B 20 19.56 15.87 5.64
CA ASP B 20 18.16 15.66 5.40
C ASP B 20 17.94 15.93 3.89
N VAL B 21 16.87 15.41 3.30
CA VAL B 21 16.65 15.58 1.87
C VAL B 21 16.02 16.88 1.44
N ASP B 22 14.79 17.17 1.90
CA ASP B 22 14.09 18.39 1.49
C ASP B 22 14.40 19.85 1.73
N SER B 23 14.88 20.50 0.74
CA SER B 23 15.69 21.67 0.57
C SER B 23 16.87 21.95 1.54
N THR B 24 17.64 20.85 1.53
CA THR B 24 19.01 20.85 2.08
C THR B 24 19.90 20.22 0.99
N VAL B 25 19.69 18.95 0.65
CA VAL B 25 20.50 18.31 -0.39
C VAL B 25 19.83 18.51 -1.73
N ILE B 26 18.54 18.76 -1.69
CA ILE B 26 17.78 19.00 -2.90
C ILE B 26 17.12 20.37 -2.87
N ARG B 27 16.71 20.87 -4.02
CA ARG B 27 16.13 22.20 -4.09
C ARG B 27 14.76 22.37 -3.51
N GLU B 28 13.82 21.59 -4.00
CA GLU B 28 12.44 21.68 -3.55
C GLU B 28 12.02 20.44 -2.80
N GLU B 29 10.94 20.60 -2.06
CA GLU B 29 10.37 19.51 -1.30
C GLU B 29 9.43 18.56 -1.99
N GLY B 30 9.70 17.28 -1.83
CA GLY B 30 8.89 16.25 -2.43
C GLY B 30 7.41 16.32 -2.18
N ILE B 31 6.99 16.62 -0.95
CA ILE B 31 5.56 16.72 -0.58
C ILE B 31 4.87 17.85 -1.37
N ASP B 32 5.45 19.06 -1.35
CA ASP B 32 4.87 20.18 -2.08
C ASP B 32 4.96 19.96 -3.56
N GLU B 33 6.00 19.25 -4.01
CA GLU B 33 6.08 19.07 -5.44
C GLU B 33 5.08 18.00 -5.87
N LEU B 34 4.95 16.93 -5.11
CA LEU B 34 3.97 15.91 -5.39
C LEU B 34 2.56 16.51 -5.35
N ALA B 35 2.35 17.39 -4.39
CA ALA B 35 1.05 18.05 -4.22
C ALA B 35 0.75 18.97 -5.38
N LYS B 36 1.80 19.44 -6.04
CA LYS B 36 1.68 20.33 -7.19
C LYS B 36 1.02 19.59 -8.35
N ILE B 37 1.40 18.35 -8.57
CA ILE B 37 0.79 17.64 -9.67
C ILE B 37 -0.54 17.04 -9.26
N CYS B 38 -1.09 17.48 -8.14
CA CYS B 38 -2.39 17.00 -7.69
C CYS B 38 -3.37 18.15 -7.52
N GLY B 39 -2.86 19.37 -7.53
CA GLY B 39 -3.72 20.51 -7.38
C GLY B 39 -3.85 20.93 -5.94
N VAL B 40 -3.02 20.37 -5.08
CA VAL B 40 -3.13 20.74 -3.69
C VAL B 40 -1.94 21.63 -3.25
N GLU B 41 -1.15 22.07 -4.23
CA GLU B 41 0.02 22.90 -3.97
C GLU B 41 -0.17 23.95 -2.89
N ASP B 42 -1.04 24.93 -3.13
CA ASP B 42 -1.30 26.01 -2.16
C ASP B 42 -1.73 25.50 -0.79
N ALA B 43 -2.59 24.49 -0.81
CA ALA B 43 -3.11 23.89 0.39
C ALA B 43 -2.04 23.15 1.21
N VAL B 44 -1.20 22.36 0.51
CA VAL B 44 -0.14 21.61 1.20
C VAL B 44 0.92 22.55 1.72
N SER B 45 1.29 23.50 0.86
CA SER B 45 2.29 24.50 1.16
C SER B 45 1.97 25.21 2.48
N GLU B 46 0.71 25.64 2.61
CA GLU B 46 0.27 26.35 3.80
C GLU B 46 0.25 25.46 5.06
N MET B 47 0.08 24.15 4.92
CA MET B 47 0.07 23.31 6.11
C MET B 47 1.50 23.18 6.65
N THR B 48 2.45 22.74 5.82
CA THR B 48 3.84 22.64 6.27
C THR B 48 4.33 23.93 6.97
N ARG B 49 4.13 25.11 6.37
CA ARG B 49 4.54 26.38 7.02
C ARG B 49 3.99 26.54 8.44
N ARG B 50 2.75 26.11 8.69
CA ARG B 50 2.19 26.27 10.02
C ARG B 50 2.76 25.22 10.93
N ALA B 51 3.40 24.23 10.31
CA ALA B 51 4.06 23.16 11.02
C ALA B 51 5.43 23.72 11.43
N MET B 52 5.58 24.10 12.69
CA MET B 52 6.85 24.64 13.15
C MET B 52 6.90 24.68 14.69
N GLY B 53 8.11 24.91 15.23
CA GLY B 53 8.39 24.95 16.67
C GLY B 53 7.32 24.78 17.75
N GLY B 54 6.80 24.05 17.89
CA GLY B 54 5.69 23.61 18.72
C GLY B 54 4.54 23.16 17.81
N ALA B 55 4.70 22.98 16.54
CA ALA B 55 3.57 22.56 15.72
C ALA B 55 3.31 21.11 16.16
N VAL B 56 2.12 20.59 15.78
CA VAL B 56 1.78 19.22 16.11
C VAL B 56 2.72 18.27 15.37
N PRO B 57 2.78 17.01 15.83
CA PRO B 57 3.72 16.03 15.29
C PRO B 57 3.48 15.77 13.80
N PHE B 58 4.51 15.54 13.62
CA PHE B 58 4.71 15.00 12.25
C PHE B 58 3.65 14.00 11.72
N LYS B 59 3.53 12.90 12.58
CA LYS B 59 2.74 11.81 12.01
C LYS B 59 1.32 12.25 11.68
N ALA B 60 0.75 13.10 12.55
CA ALA B 60 -0.61 13.62 12.41
C ALA B 60 -0.75 14.48 11.18
N ALA B 61 -0.03 15.59 11.16
CA ALA B 61 -0.08 16.49 10.01
C ALA B 61 0.38 15.80 8.73
N LEU B 62 1.19 14.75 8.83
CA LEU B 62 1.45 14.30 7.37
C LEU B 62 0.46 13.35 7.00
N THR B 63 -0.37 12.76 7.85
CA THR B 63 -1.58 12.03 7.44
C THR B 63 -2.58 12.95 6.71
N GLU B 64 -2.83 14.14 7.26
CA GLU B 64 -3.76 15.09 6.62
C GLU B 64 -3.27 15.51 5.24
N ARG B 65 -2.10 16.14 5.18
CA ARG B 65 -1.55 16.58 3.91
C ARG B 65 -1.66 15.49 2.87
N LEU B 66 -1.24 14.28 3.20
CA LEU B 66 -1.34 13.21 2.19
C LEU B 66 -2.80 12.82 1.93
N ALA B 67 -3.62 12.91 2.96
CA ALA B 67 -5.01 12.60 2.76
C ALA B 67 -5.56 13.64 1.79
N LEU B 68 -5.00 14.85 1.83
CA LEU B 68 -5.40 15.94 0.96
C LEU B 68 -4.92 15.74 -0.46
N ILE B 69 -3.61 15.51 -0.63
CA ILE B 69 -2.95 15.28 -1.93
C ILE B 69 -3.50 14.01 -2.62
N GLN B 70 -3.32 12.88 -1.94
CA GLN B 70 -3.78 11.58 -2.44
C GLN B 70 -3.05 11.24 -3.76
N PRO B 71 -1.74 10.91 -3.69
CA PRO B 71 -0.89 10.55 -4.84
C PRO B 71 -0.88 9.11 -5.31
N SER B 72 -0.98 8.91 -6.62
CA SER B 72 -1.01 7.56 -7.19
C SER B 72 0.32 7.03 -7.69
N ARG B 73 0.47 5.73 -7.74
CA ARG B 73 1.71 5.17 -8.22
C ARG B 73 2.04 5.75 -9.57
N GLU B 74 1.02 6.26 -10.27
CA GLU B 74 1.23 6.85 -11.61
C GLU B 74 1.78 8.28 -11.51
N GLN B 75 1.30 9.03 -10.53
CA GLN B 75 1.75 10.38 -10.30
C GLN B 75 3.16 10.39 -9.72
N VAL B 76 3.41 9.53 -8.74
CA VAL B 76 4.80 9.55 -8.07
C VAL B 76 5.86 9.00 -8.97
N GLN B 77 5.57 8.04 -9.85
CA GLN B 77 6.54 7.48 -10.77
C GLN B 77 6.90 8.45 -11.87
N ARG B 78 5.94 9.20 -12.41
CA ARG B 78 6.12 10.20 -13.50
C ARG B 78 6.78 11.45 -13.01
N LEU B 79 6.96 11.54 -11.70
CA LEU B 79 7.51 12.75 -11.11
C LEU B 79 8.98 12.43 -11.33
N ILE B 80 9.35 11.22 -10.97
CA ILE B 80 10.75 10.97 -11.10
C ILE B 80 11.08 10.85 -12.62
N ALA B 81 10.09 11.05 -13.49
CA ALA B 81 10.22 11.42 -14.89
C ALA B 81 10.58 12.90 -15.02
N GLU B 82 9.60 13.76 -14.70
CA GLU B 82 9.86 15.19 -14.67
C GLU B 82 10.98 15.50 -13.67
N GLN B 83 11.43 14.43 -12.98
CA GLN B 83 12.52 14.59 -12.02
C GLN B 83 12.63 16.04 -11.54
N PRO B 84 11.65 16.44 -10.72
CA PRO B 84 11.63 17.77 -10.14
C PRO B 84 12.80 17.97 -9.18
N PRO B 85 13.16 16.88 -8.48
CA PRO B 85 14.26 16.91 -7.52
C PRO B 85 15.55 17.45 -8.15
N HIS B 86 15.97 18.62 -7.66
CA HIS B 86 17.18 19.23 -8.18
C HIS B 86 18.29 19.25 -7.12
N LEU B 87 19.49 18.75 -7.36
CA LEU B 87 20.52 18.72 -6.33
C LEU B 87 21.01 20.14 -6.09
N THR B 88 21.33 20.46 -4.84
CA THR B 88 21.84 21.79 -4.53
C THR B 88 23.24 21.85 -5.13
N PRO B 89 23.75 23.06 -5.33
CA PRO B 89 25.08 23.30 -5.91
C PRO B 89 26.25 22.46 -5.40
N GLY B 90 26.55 22.56 -4.14
CA GLY B 90 27.69 21.78 -3.67
C GLY B 90 27.37 20.53 -2.89
N ILE B 91 26.35 19.80 -3.32
CA ILE B 91 25.97 18.60 -2.59
C ILE B 91 26.67 17.33 -3.10
N ARG B 92 26.71 17.18 -4.42
CA ARG B 92 27.31 16.03 -5.09
C ARG B 92 28.77 15.80 -4.76
N GLU B 93 29.57 16.78 -5.14
CA GLU B 93 30.85 16.34 -4.92
C GLU B 93 31.34 16.72 -3.42
N LEU B 94 30.68 17.56 -2.62
CA LEU B 94 30.96 17.58 -1.19
C LEU B 94 30.89 16.16 -0.59
N VAL B 95 29.78 15.47 -0.80
CA VAL B 95 29.57 14.12 -0.28
C VAL B 95 30.46 13.15 -1.06
N SER B 96 30.63 13.41 -2.34
CA SER B 96 31.46 12.55 -3.19
C SER B 96 32.88 12.57 -2.66
N ARG B 97 33.28 13.76 -2.22
CA ARG B 97 34.60 14.02 -1.66
C ARG B 97 34.74 13.13 -0.43
N LEU B 98 33.93 13.41 0.58
CA LEU B 98 33.92 12.70 1.86
C LEU B 98 33.70 11.18 1.76
N GLN B 99 33.02 10.75 0.70
CA GLN B 99 32.71 9.34 0.46
C GLN B 99 33.94 8.56 0.00
N GLU B 100 34.88 9.25 -0.65
CA GLU B 100 36.09 8.58 -1.10
C GLU B 100 36.99 8.31 0.12
N ARG B 101 37.01 9.27 1.05
CA ARG B 101 37.81 9.16 2.27
C ARG B 101 37.44 8.01 3.21
N ASN B 102 36.40 7.25 2.85
CA ASN B 102 35.90 6.11 3.63
C ASN B 102 34.89 6.53 4.71
N VAL B 103 34.07 7.53 4.36
CA VAL B 103 33.01 7.82 5.46
C VAL B 103 31.66 7.65 4.92
N GLN B 104 31.00 7.48 6.06
CA GLN B 104 29.61 7.12 5.82
C GLN B 104 28.70 8.36 5.69
N VAL B 105 27.90 8.37 4.62
CA VAL B 105 26.96 9.46 4.33
C VAL B 105 25.54 8.95 4.31
N PHE B 106 24.62 9.66 4.97
CA PHE B 106 23.21 9.23 5.00
C PHE B 106 22.13 10.29 4.77
N LEU B 107 20.99 9.83 4.27
CA LEU B 107 19.83 10.68 4.01
C LEU B 107 18.63 10.45 4.92
N ILE B 108 18.56 11.25 5.97
CA ILE B 108 17.49 11.17 6.95
C ILE B 108 16.48 12.25 6.63
N SER B 109 15.40 11.86 5.95
CA SER B 109 14.36 12.82 5.59
C SER B 109 12.93 12.39 5.78
N GLY B 110 12.10 13.35 6.19
CA GLY B 110 10.68 13.11 6.40
C GLY B 110 9.96 13.18 5.08
N GLY B 111 10.57 12.58 4.07
CA GLY B 111 9.99 12.52 2.74
C GLY B 111 9.78 11.06 2.36
N PHE B 112 9.42 10.80 1.10
CA PHE B 112 9.16 9.44 0.68
C PHE B 112 10.30 8.88 -0.10
N ARG B 113 10.81 7.71 0.27
CA ARG B 113 11.93 7.10 -0.47
C ARG B 113 11.53 6.80 -1.91
N SER B 114 10.23 6.86 -2.12
CA SER B 114 9.76 6.52 -3.31
C SER B 114 10.59 7.52 -4.12
N ILE B 115 10.52 8.83 -3.82
CA ILE B 115 11.31 10.00 -4.35
C ILE B 115 12.78 10.20 -3.82
N VAL B 116 12.94 10.19 -2.49
CA VAL B 116 14.25 10.47 -1.87
C VAL B 116 15.33 9.50 -2.22
N GLU B 117 14.98 8.40 -2.86
CA GLU B 117 15.99 7.41 -3.22
C GLU B 117 16.51 7.67 -4.60
N HIS B 118 15.76 8.41 -5.40
CA HIS B 118 16.24 8.73 -6.74
C HIS B 118 17.40 9.66 -6.50
N VAL B 119 17.30 10.43 -5.42
CA VAL B 119 18.34 11.37 -5.04
C VAL B 119 19.53 10.54 -4.55
N ALA B 120 19.34 9.74 -3.49
CA ALA B 120 20.39 8.88 -2.91
C ALA B 120 21.24 8.20 -3.97
N SER B 121 20.62 7.86 -5.09
CA SER B 121 21.28 7.18 -6.19
C SER B 121 22.41 7.96 -6.83
N LYS B 122 22.19 9.24 -7.14
CA LYS B 122 23.52 8.84 -7.59
C LYS B 122 24.59 9.40 -6.68
N LEU B 123 24.11 10.21 -5.71
CA LEU B 123 25.04 10.76 -4.74
C LEU B 123 25.90 9.59 -4.26
N ASN B 124 25.44 8.49 -4.84
CA ASN B 124 26.02 7.17 -4.65
C ASN B 124 25.89 6.60 -3.27
N ILE B 125 24.98 7.18 -2.51
CA ILE B 125 24.71 6.72 -1.17
C ILE B 125 23.91 5.42 -1.30
N PRO B 126 23.93 4.39 -0.74
CA PRO B 126 23.20 3.12 -0.83
C PRO B 126 21.71 3.32 -0.61
N ALA B 127 21.35 2.36 -1.04
CA ALA B 127 19.91 2.48 -0.86
C ALA B 127 19.61 2.32 0.64
N THR B 128 20.31 1.41 1.31
CA THR B 128 20.02 1.20 2.73
C THR B 128 20.37 2.38 3.62
N ASN B 129 21.17 3.30 3.10
CA ASN B 129 21.54 4.47 3.90
C ASN B 129 20.53 5.62 3.75
N VAL B 130 19.28 5.26 3.44
CA VAL B 130 18.17 6.25 3.27
C VAL B 130 16.99 5.95 4.20
N PHE B 131 16.63 6.93 5.04
CA PHE B 131 15.51 6.76 5.95
C PHE B 131 14.36 7.71 5.65
N ALA B 132 13.43 7.25 4.82
CA ALA B 132 12.26 8.04 4.42
C ALA B 132 11.01 7.17 4.60
N ASN B 133 9.93 7.73 5.11
CA ASN B 133 8.77 6.87 5.26
C ASN B 133 8.32 6.44 3.87
N ARG B 134 7.73 5.25 3.78
CA ARG B 134 7.28 4.73 2.52
C ARG B 134 5.85 5.15 2.28
N LEU B 135 5.38 4.97 1.05
CA LEU B 135 4.03 5.32 0.66
C LEU B 135 3.38 4.05 0.12
N LYS B 136 2.30 3.61 0.77
CA LYS B 136 1.58 2.42 0.32
C LYS B 136 0.81 2.74 -0.94
N PHE B 137 0.48 1.70 -1.72
CA PHE B 137 -0.25 1.82 -2.98
C PHE B 137 -1.15 0.60 -3.29
N TYR B 138 -2.37 0.81 -3.79
CA TYR B 138 -3.23 -0.31 -4.13
C TYR B 138 -2.72 -0.95 -5.43
N PHE B 139 -3.15 -2.18 -5.71
CA PHE B 139 -2.74 -2.88 -6.92
C PHE B 139 -3.08 -2.06 -8.14
N ASN B 140 -4.21 -1.36 -8.08
CA ASN B 140 -4.63 -0.53 -9.20
C ASN B 140 -3.85 0.78 -9.18
N GLY B 141 -2.88 0.86 -8.28
CA GLY B 141 -2.07 2.06 -8.17
C GLY B 141 -2.89 3.28 -7.77
N GLU B 142 -3.16 3.43 -6.48
CA GLU B 142 -3.93 4.56 -6.00
C GLU B 142 -3.34 4.72 -4.61
N TYR B 143 -3.72 5.77 -3.89
CA TYR B 143 -3.11 6.04 -2.58
C TYR B 143 -3.73 4.99 -1.68
N ALA B 144 -2.97 4.53 -0.69
CA ALA B 144 -3.31 3.66 0.27
C ALA B 144 -2.25 4.16 1.05
N GLY B 145 -2.53 4.53 2.30
CA GLY B 145 -1.56 5.19 3.15
C GLY B 145 -0.05 5.17 3.00
N PHE B 146 0.62 5.09 4.13
CA PHE B 146 2.05 5.06 4.15
C PHE B 146 2.44 4.20 5.33
N ASP B 147 3.60 3.59 5.23
CA ASP B 147 4.11 2.74 6.29
C ASP B 147 4.16 3.60 7.55
N GLU B 148 3.34 3.26 8.54
CA GLU B 148 3.26 4.04 9.77
C GLU B 148 4.33 3.66 10.80
N THR B 149 5.02 2.55 10.57
CA THR B 149 6.09 2.09 11.50
C THR B 149 7.50 2.71 11.36
N GLN B 150 7.67 3.57 10.36
CA GLN B 150 8.96 4.20 10.11
C GLN B 150 9.37 5.39 10.97
N PRO B 151 10.59 5.34 11.54
CA PRO B 151 11.13 6.41 12.39
C PRO B 151 10.85 7.82 11.89
N THR B 152 11.01 8.02 10.59
CA THR B 152 10.82 9.31 9.95
C THR B 152 9.36 9.78 9.87
N ALA B 153 8.45 8.90 10.29
CA ALA B 153 7.00 9.17 10.26
C ALA B 153 6.43 9.91 11.44
N GLU B 154 7.25 10.24 12.43
CA GLU B 154 6.76 10.95 13.59
C GLU B 154 7.78 11.88 14.19
N SER B 155 7.29 12.81 15.00
CA SER B 155 8.17 13.75 15.64
C SER B 155 9.32 13.64 16.60
N GLY B 156 10.53 13.72 16.01
CA GLY B 156 11.72 13.58 16.71
C GLY B 156 12.25 12.39 16.06
N GLY B 157 11.62 12.06 14.92
CA GLY B 157 12.02 10.88 14.17
C GLY B 157 13.47 10.86 13.71
N LYS B 158 13.96 12.00 13.26
CA LYS B 158 15.32 12.11 12.79
C LYS B 158 16.35 11.76 13.85
N GLY B 159 16.07 12.14 15.09
CA GLY B 159 17.00 11.82 16.16
C GLY B 159 16.86 10.37 16.57
N LYS B 160 15.90 9.68 15.99
CA LYS B 160 15.73 8.29 16.36
C LYS B 160 16.63 7.41 15.52
N VAL B 161 16.67 7.70 14.22
CA VAL B 161 17.49 6.96 13.26
C VAL B 161 18.96 7.25 13.51
N ILE B 162 19.24 8.47 13.97
CA ILE B 162 20.61 8.85 14.21
C ILE B 162 21.14 8.09 15.38
N LYS B 163 20.45 8.18 16.51
CA LYS B 163 20.90 7.48 17.71
C LYS B 163 20.82 5.98 17.50
N PHE B 164 20.09 5.56 16.47
CA PHE B 164 19.96 4.18 16.11
C PHE B 164 21.03 3.84 15.11
N LEU B 165 21.81 4.85 14.77
CA LEU B 165 22.85 4.69 13.76
C LEU B 165 24.23 4.49 14.41
N LYS B 166 24.39 5.05 15.62
CA LYS B 166 25.65 4.95 16.34
C LYS B 166 25.74 3.60 17.07
N GLU B 167 24.64 3.23 17.74
CA GLU B 167 24.62 1.98 18.47
C GLU B 167 24.87 0.92 17.39
N LYS B 168 24.19 1.10 16.25
CA LYS B 168 24.36 0.15 15.15
C LYS B 168 25.74 -0.11 14.52
N PHE B 169 26.18 0.86 13.70
CA PHE B 169 27.46 0.80 13.01
C PHE B 169 28.64 1.32 13.85
N HIS B 170 28.31 1.93 15.01
CA HIS B 170 29.29 2.53 15.91
C HIS B 170 30.26 3.58 15.33
N PHE B 171 29.87 4.84 15.38
CA PHE B 171 30.72 5.90 14.85
C PHE B 171 31.31 6.84 15.89
N LYS B 172 32.36 7.57 15.52
CA LYS B 172 32.98 8.48 16.47
C LYS B 172 32.58 9.91 16.20
N LYS B 173 32.23 10.18 14.93
CA LYS B 173 31.90 11.52 14.52
C LYS B 173 30.74 11.54 13.56
N ILE B 174 29.51 11.52 14.06
CA ILE B 174 28.34 11.57 13.19
C ILE B 174 27.88 13.02 13.08
N ILE B 175 27.84 13.56 11.86
CA ILE B 175 27.45 14.94 11.65
C ILE B 175 26.09 15.11 10.95
N MET B 176 25.21 15.91 11.56
CA MET B 176 23.92 16.16 10.97
C MET B 176 23.98 17.49 10.24
N ILE B 177 23.25 17.56 9.12
CA ILE B 177 23.20 18.77 8.32
C ILE B 177 21.80 18.95 7.74
N GLY B 178 21.07 19.93 8.26
CA GLY B 178 19.73 20.18 7.76
C GLY B 178 19.43 21.65 7.63
N ASP B 179 18.21 21.99 7.21
CA ASP B 179 17.80 23.37 7.05
C ASP B 179 16.81 23.85 8.10
N GLY B 180 16.02 22.92 8.64
CA GLY B 180 15.04 23.27 9.64
C GLY B 180 15.39 22.77 11.04
N ALA B 181 14.95 23.49 12.07
CA ALA B 181 15.24 23.10 13.43
C ALA B 181 15.03 21.61 13.61
N THR B 182 14.06 21.04 12.92
CA THR B 182 13.79 19.60 13.05
C THR B 182 15.07 18.81 12.87
N ASP B 183 15.69 18.98 11.72
CA ASP B 183 16.94 18.29 11.43
C ASP B 183 18.01 18.66 12.47
N MET B 184 17.80 19.79 13.16
CA MET B 184 18.71 20.27 14.19
C MET B 184 18.45 19.69 15.61
N GLU B 185 17.19 19.35 15.90
CA GLU B 185 16.79 18.78 17.17
C GLU B 185 17.53 17.47 17.40
N ALA B 186 18.17 16.99 16.35
CA ALA B 186 18.89 15.73 16.45
C ALA B 186 20.38 15.82 16.74
N CYS B 187 20.91 17.04 16.81
CA CYS B 187 22.33 17.18 17.08
C CYS B 187 22.85 16.55 18.36
N PRO B 188 22.17 16.80 19.48
CA PRO B 188 22.63 16.21 20.73
C PRO B 188 22.84 14.70 20.62
N PRO B 189 21.93 13.99 19.94
CA PRO B 189 22.18 12.55 19.84
C PRO B 189 23.44 12.35 18.98
N ALA B 190 23.55 13.13 17.90
CA ALA B 190 24.68 13.09 16.98
C ALA B 190 25.85 13.90 17.54
N ASP B 191 27.04 13.66 17.00
CA ASP B 191 28.21 14.40 17.45
C ASP B 191 28.06 15.90 17.23
N ALA B 192 27.79 16.28 15.99
CA ALA B 192 27.64 17.70 15.68
C ALA B 192 26.65 18.07 14.58
N PHE B 193 26.36 19.36 14.51
CA PHE B 193 25.42 19.85 13.52
C PHE B 193 25.92 21.06 12.73
N ILE B 194 25.57 21.10 11.44
CA ILE B 194 25.92 22.20 10.56
C ILE B 194 24.59 22.58 9.88
N GLY B 195 24.17 23.84 9.97
CA GLY B 195 22.90 24.27 9.36
C GLY B 195 22.95 24.41 7.83
N PHE B 196 21.96 25.08 7.23
CA PHE B 196 21.94 25.29 5.76
C PHE B 196 20.80 26.19 5.28
N GLY B 197 21.14 27.24 4.56
CA GLY B 197 20.08 28.11 4.10
C GLY B 197 20.12 28.40 2.63
N GLY B 198 20.82 27.56 1.88
CA GLY B 198 20.94 27.75 0.43
C GLY B 198 19.64 27.93 -0.32
N ASN B 199 18.66 27.09 -0.02
CA ASN B 199 17.37 27.13 -0.68
C ASN B 199 16.38 27.87 0.18
N VAL B 200 16.32 27.46 1.45
CA VAL B 200 15.41 27.96 2.47
C VAL B 200 16.15 28.59 3.67
N ILE B 201 15.46 29.58 4.29
CA ILE B 201 16.07 30.50 5.33
C ILE B 201 15.72 30.26 6.86
N ARG B 202 14.46 30.60 7.18
CA ARG B 202 14.03 30.43 8.56
C ARG B 202 14.92 30.67 9.78
N GLN B 203 15.07 31.95 10.15
CA GLN B 203 15.92 32.37 11.27
C GLN B 203 16.07 31.29 12.32
N GLN B 204 14.88 30.93 12.90
CA GLN B 204 15.19 29.91 13.90
C GLN B 204 16.63 29.40 13.91
N VAL B 205 16.99 28.65 12.86
CA VAL B 205 18.34 28.09 12.80
C VAL B 205 19.56 28.87 12.33
N LYS B 206 19.28 29.88 11.50
CA LYS B 206 20.33 30.80 11.00
C LYS B 206 21.21 31.38 12.08
N ASP B 207 20.61 32.13 12.99
CA ASP B 207 21.37 32.78 14.04
C ASP B 207 21.64 31.97 15.31
N ASN B 208 21.04 30.78 15.41
CA ASN B 208 21.23 29.98 16.61
C ASN B 208 22.20 28.80 16.73
N ALA B 209 22.72 28.28 15.63
CA ALA B 209 23.64 27.17 15.78
C ALA B 209 25.05 27.53 15.39
N LYS B 210 25.94 26.60 15.71
CA LYS B 210 27.37 26.70 15.45
C LYS B 210 27.66 26.27 14.01
N TRP B 211 28.29 27.15 13.25
CA TRP B 211 28.60 26.85 11.85
C TRP B 211 27.23 26.74 11.17
N TYR B 212 26.70 27.86 10.69
CA TYR B 212 25.41 27.88 10.02
C TYR B 212 25.95 28.15 8.63
N ILE B 213 26.03 27.11 7.81
CA ILE B 213 26.56 27.28 6.48
C ILE B 213 25.35 27.63 5.61
N THR B 214 25.62 28.43 4.59
CA THR B 214 24.62 28.86 3.64
C THR B 214 25.16 28.50 2.28
N ASP B 215 24.82 27.59 2.08
CA ASP B 215 25.05 27.24 0.69
C ASP B 215 26.37 26.46 0.58
N PHE B 216 26.53 24.99 0.33
CA PHE B 216 27.77 24.24 0.45
C PHE B 216 28.89 25.00 -0.24
N VAL B 217 28.54 25.80 -1.24
CA VAL B 217 29.52 26.59 -2.02
C VAL B 217 30.32 27.38 -0.97
N GLU B 218 29.61 28.12 -0.13
CA GLU B 218 30.18 28.94 0.94
C GLU B 218 30.83 28.27 2.16
N LEU B 219 31.14 26.98 2.01
CA LEU B 219 31.78 26.16 3.05
C LEU B 219 32.59 25.08 2.32
N LEU B 220 32.39 25.00 1.01
CA LEU B 220 33.11 24.01 0.22
C LEU B 220 34.51 24.55 -0.05
N GLY B 221 34.62 25.87 -0.06
CA GLY B 221 35.90 26.51 -0.31
C GLY B 221 36.95 26.10 0.70
N GLU B 222 36.58 26.21 1.97
CA GLU B 222 37.46 25.86 3.09
C GLU B 222 37.42 24.32 3.25
N LEU B 223 36.50 23.69 2.52
CA LEU B 223 36.29 22.24 2.51
C LEU B 223 37.19 21.64 1.46
N GLU B 224 37.27 22.35 0.35
CA GLU B 224 38.11 21.93 -0.75
C GLU B 224 39.56 22.08 -0.31
N GLU B 225 39.75 22.71 0.85
CA GLU B 225 41.07 22.91 1.41
C GLU B 225 41.71 21.57 1.80
#